data_3AMP
#
_entry.id   3AMP
#
_cell.length_a   42.076
_cell.length_b   73.906
_cell.length_c   179.664
_cell.angle_alpha   90.00
_cell.angle_beta   90.00
_cell.angle_gamma   90.00
#
_symmetry.space_group_name_H-M   'P 21 21 21'
#
loop_
_entity.id
_entity.type
_entity.pdbx_description
1 polymer Endo-1,4-beta-glucanase
2 branched beta-D-glucopyranose-(1-4)-beta-D-glucopyranose-(1-4)-alpha-D-glucopyranose
3 branched beta-D-glucopyranose-(1-4)-beta-D-glucopyranose
4 water water
#
_entity_poly.entity_id   1
_entity_poly.type   'polypeptide(L)'
_entity_poly.pdbx_seq_one_letter_code
;MGHHHHHHMVLMTKPGTSDFVWNGIPLSMELNLWNIKEYSGSVAMKFDGEKITFDADIQNLSPKEPERYVLGYPEFYYGY
KPWENHTAEGSKLPVPVSSMKSFSVEVSFDIHHEPSLPLNFAMETWLTREKYQTEASIGDVCIMVWFYFNNLTPGGEKIE
EFTIPFVLNGESVEGTWELWLAEWGWDYLAFRLKDPVKKGRVKFDVRHFLDAAGKALSSSARVKDFEDLYFTVWEIGTEF
GSPETKSAQFGWKFENFSIDLEVRE
;
_entity_poly.pdbx_strand_id   A,B
#
loop_
_chem_comp.id
_chem_comp.type
_chem_comp.name
_chem_comp.formula
BGC D-saccharide, beta linking beta-D-glucopyranose 'C6 H12 O6'
GLC D-saccharide, alpha linking alpha-D-glucopyranose 'C6 H12 O6'
#
# COMPACT_ATOMS: atom_id res chain seq x y z
N MET A 9 -6.64 -0.57 10.92
CA MET A 9 -5.46 -0.49 10.01
C MET A 9 -4.12 -0.20 10.71
N VAL A 10 -3.09 -1.01 10.39
CA VAL A 10 -1.76 -0.82 10.91
C VAL A 10 -0.95 -0.46 9.64
N LEU A 11 -0.23 0.66 9.63
CA LEU A 11 0.56 1.08 8.47
C LEU A 11 1.96 1.51 8.90
N MET A 12 3.00 0.87 8.33
CA MET A 12 4.37 1.29 8.62
C MET A 12 5.07 1.65 7.30
N THR A 13 5.89 2.71 7.32
CA THR A 13 6.59 3.10 6.12
C THR A 13 8.10 3.26 6.42
N LYS A 14 8.52 2.66 7.55
CA LYS A 14 9.95 2.60 7.86
C LYS A 14 10.15 1.36 8.71
N PRO A 15 11.38 0.87 8.80
CA PRO A 15 11.63 -0.35 9.59
C PRO A 15 11.07 -0.25 10.99
N GLY A 16 10.45 -1.33 11.45
CA GLY A 16 9.88 -1.36 12.78
C GLY A 16 9.01 -2.58 12.94
N THR A 17 8.41 -2.72 14.13
CA THR A 17 7.54 -3.87 14.41
C THR A 17 6.24 -3.34 14.98
N SER A 18 5.14 -3.99 14.60
CA SER A 18 3.82 -3.67 15.16
C SER A 18 3.09 -4.93 15.51
N ASP A 19 2.44 -4.97 16.66
CA ASP A 19 1.69 -6.18 16.95
C ASP A 19 0.26 -5.95 16.43
N PHE A 20 -0.42 -7.04 16.11
CA PHE A 20 -1.81 -6.98 15.63
C PHE A 20 -2.51 -8.31 15.93
N VAL A 21 -3.83 -8.36 15.68
CA VAL A 21 -4.56 -9.60 15.88
C VAL A 21 -5.28 -9.81 14.56
N TRP A 22 -5.16 -11.02 14.05
CA TRP A 22 -5.79 -11.40 12.80
C TRP A 22 -6.60 -12.65 13.03
N ASN A 23 -7.91 -12.58 12.76
CA ASN A 23 -8.76 -13.76 12.98
C ASN A 23 -8.57 -14.32 14.41
N GLY A 24 -8.45 -13.45 15.40
CA GLY A 24 -8.27 -13.94 16.74
C GLY A 24 -6.87 -14.39 17.15
N ILE A 25 -5.88 -14.28 16.24
CA ILE A 25 -4.56 -14.78 16.56
C ILE A 25 -3.61 -13.53 16.74
N PRO A 26 -2.87 -13.48 17.85
CA PRO A 26 -1.95 -12.38 18.14
C PRO A 26 -0.69 -12.57 17.33
N LEU A 27 -0.27 -11.55 16.61
CA LEU A 27 0.85 -11.68 15.72
C LEU A 27 1.69 -10.39 15.77
N SER A 28 2.89 -10.45 15.17
CA SER A 28 3.74 -9.24 15.01
C SER A 28 4.09 -9.10 13.51
N MET A 29 4.13 -7.89 13.02
CA MET A 29 4.55 -7.66 11.66
C MET A 29 5.82 -6.86 11.78
N GLU A 30 6.83 -7.21 10.97
CA GLU A 30 8.10 -6.48 11.01
C GLU A 30 8.54 -6.07 9.63
N LEU A 31 8.66 -4.76 9.46
CA LEU A 31 9.13 -4.25 8.19
C LEU A 31 10.62 -4.37 8.46
N ASN A 32 11.14 -5.55 8.08
CA ASN A 32 12.49 -6.01 8.46
C ASN A 32 13.55 -5.83 7.35
N LEU A 33 14.41 -4.83 7.50
CA LEU A 33 15.47 -4.58 6.50
C LEU A 33 16.76 -4.79 7.30
N TRP A 34 16.84 -5.94 7.97
CA TRP A 34 17.92 -6.14 8.94
C TRP A 34 19.36 -6.01 8.45
N ASN A 35 19.59 -6.32 7.19
CA ASN A 35 20.98 -6.24 6.71
C ASN A 35 21.20 -5.14 5.71
N ILE A 36 20.34 -4.07 5.77
CA ILE A 36 20.50 -2.97 4.87
C ILE A 36 21.16 -1.81 5.65
N LYS A 37 22.33 -1.40 5.17
CA LYS A 37 23.04 -0.27 5.86
C LYS A 37 22.39 1.07 5.46
N GLU A 38 22.07 1.21 4.18
CA GLU A 38 21.43 2.43 3.70
C GLU A 38 20.56 2.10 2.48
N TYR A 39 19.61 2.97 2.26
CA TYR A 39 18.74 2.87 1.10
C TYR A 39 18.00 4.22 0.93
N SER A 40 17.43 4.42 -0.26
CA SER A 40 16.57 5.57 -0.56
C SER A 40 15.28 4.94 -1.13
N GLY A 41 14.22 5.73 -1.24
CA GLY A 41 13.02 5.15 -1.84
C GLY A 41 11.94 4.88 -0.80
N SER A 42 11.04 3.99 -1.16
CA SER A 42 9.88 3.74 -0.31
C SER A 42 9.64 2.31 0.07
N VAL A 43 9.14 2.13 1.30
CA VAL A 43 8.69 0.80 1.76
C VAL A 43 7.39 1.05 2.50
N ALA A 44 6.45 0.11 2.40
CA ALA A 44 5.19 0.29 3.11
C ALA A 44 4.65 -1.08 3.45
N MET A 45 4.21 -1.25 4.68
CA MET A 45 3.64 -2.53 5.08
C MET A 45 2.30 -2.18 5.73
N LYS A 46 1.25 -2.94 5.43
CA LYS A 46 -0.07 -2.58 5.94
C LYS A 46 -0.87 -3.80 6.30
N PHE A 47 -1.62 -3.75 7.43
CA PHE A 47 -2.56 -4.81 7.78
C PHE A 47 -3.92 -4.05 7.88
N ASP A 48 -4.97 -4.60 7.24
CA ASP A 48 -6.26 -3.92 7.28
C ASP A 48 -7.37 -4.75 7.87
N GLY A 49 -7.02 -5.79 8.64
CA GLY A 49 -7.98 -6.72 9.24
C GLY A 49 -8.22 -7.98 8.40
N GLU A 50 -7.97 -7.93 7.10
CA GLU A 50 -8.21 -9.09 6.24
C GLU A 50 -6.95 -9.55 5.53
N LYS A 51 -6.01 -8.62 5.29
CA LYS A 51 -4.79 -9.03 4.57
C LYS A 51 -3.61 -8.23 5.07
N ILE A 52 -2.41 -8.74 4.80
CA ILE A 52 -1.21 -7.98 5.14
C ILE A 52 -0.49 -7.81 3.80
N THR A 53 -0.06 -6.59 3.50
CA THR A 53 0.62 -6.32 2.24
C THR A 53 1.94 -5.61 2.49
N PHE A 54 2.85 -5.82 1.56
CA PHE A 54 4.13 -5.14 1.67
C PHE A 54 4.56 -4.74 0.29
N ASP A 55 5.10 -3.53 0.18
CA ASP A 55 5.64 -3.09 -1.13
C ASP A 55 6.94 -2.32 -0.91
N ALA A 56 7.89 -2.52 -1.81
CA ALA A 56 9.14 -1.78 -1.73
C ALA A 56 9.57 -1.31 -3.09
N ASP A 57 10.09 -0.10 -3.16
CA ASP A 57 10.68 0.39 -4.41
C ASP A 57 11.84 1.17 -3.85
N ILE A 58 12.96 0.48 -3.65
CA ILE A 58 14.12 1.15 -3.01
C ILE A 58 15.34 1.13 -3.88
N GLN A 59 16.21 2.10 -3.69
CA GLN A 59 17.42 2.15 -4.50
C GLN A 59 18.63 2.54 -3.58
N ASN A 60 19.80 2.66 -4.19
CA ASN A 60 21.03 3.04 -3.47
C ASN A 60 21.30 2.07 -2.29
N LEU A 61 21.12 0.78 -2.53
CA LEU A 61 21.28 -0.17 -1.45
C LEU A 61 22.71 -0.58 -1.18
N SER A 62 23.02 -0.82 0.09
CA SER A 62 24.29 -1.43 0.43
C SER A 62 24.02 -2.25 1.72
N PRO A 63 24.67 -3.40 1.88
CA PRO A 63 24.46 -4.26 3.06
C PRO A 63 25.24 -3.84 4.29
N LYS A 64 24.76 -4.18 5.47
CA LYS A 64 25.56 -3.95 6.69
C LYS A 64 26.67 -4.98 6.67
N GLU A 65 26.35 -6.22 6.28
CA GLU A 65 27.40 -7.26 6.29
C GLU A 65 27.19 -8.18 5.03
N PRO A 66 28.03 -8.03 3.99
CA PRO A 66 27.80 -8.87 2.81
C PRO A 66 27.94 -10.33 3.05
N GLU A 67 28.62 -10.71 4.14
CA GLU A 67 28.79 -12.14 4.43
C GLU A 67 27.44 -12.79 4.69
N ARG A 68 26.45 -11.99 5.09
CA ARG A 68 25.13 -12.56 5.39
C ARG A 68 24.28 -12.75 4.14
N TYR A 69 24.77 -12.21 3.04
CA TYR A 69 24.20 -12.33 1.73
C TYR A 69 22.92 -11.56 1.45
N VAL A 70 21.84 -11.95 2.13
CA VAL A 70 20.56 -11.25 1.87
C VAL A 70 20.53 -9.86 2.54
N LEU A 71 19.53 -9.05 2.18
CA LEU A 71 19.42 -7.71 2.69
C LEU A 71 18.29 -7.54 3.71
N GLY A 72 17.22 -8.32 3.57
CA GLY A 72 16.12 -8.13 4.51
C GLY A 72 15.15 -9.31 4.46
N TYR A 73 14.12 -9.18 5.28
CA TYR A 73 13.11 -10.23 5.39
C TYR A 73 11.78 -9.65 5.91
N PRO A 74 11.12 -8.78 5.13
CA PRO A 74 9.81 -8.23 5.60
C PRO A 74 8.93 -9.47 5.89
N GLU A 75 8.20 -9.43 7.01
CA GLU A 75 7.53 -10.62 7.49
C GLU A 75 6.48 -10.36 8.56
N PHE A 76 5.71 -11.43 8.88
CA PHE A 76 4.89 -11.36 10.08
C PHE A 76 5.16 -12.68 10.83
N TYR A 77 4.88 -12.72 12.14
CA TYR A 77 5.17 -13.92 12.87
C TYR A 77 4.27 -14.13 14.06
N TYR A 78 4.17 -15.42 14.42
CA TYR A 78 3.40 -15.87 15.58
C TYR A 78 4.45 -16.33 16.60
N GLY A 79 4.42 -15.79 17.80
CA GLY A 79 5.36 -16.24 18.81
C GLY A 79 6.54 -15.31 19.11
N TYR A 80 7.62 -15.89 19.66
CA TYR A 80 8.78 -15.11 20.16
C TYR A 80 9.96 -15.16 19.21
N LYS A 81 10.30 -14.03 18.63
CA LYS A 81 11.44 -13.94 17.70
C LYS A 81 12.63 -13.61 18.61
N PRO A 82 13.56 -14.55 18.80
CA PRO A 82 14.72 -14.33 19.68
C PRO A 82 15.49 -13.03 19.41
N TRP A 83 15.80 -12.75 18.15
CA TRP A 83 16.62 -11.59 17.83
C TRP A 83 16.03 -10.27 18.23
N GLU A 84 14.68 -10.19 18.28
CA GLU A 84 14.04 -8.95 18.69
C GLU A 84 13.59 -8.99 20.14
N ASN A 85 13.77 -10.13 20.83
CA ASN A 85 13.38 -10.27 22.26
C ASN A 85 11.91 -9.84 22.32
N HIS A 86 11.12 -10.35 21.40
CA HIS A 86 9.74 -9.92 21.35
C HIS A 86 8.74 -10.96 21.01
N THR A 87 7.62 -10.93 21.71
CA THR A 87 6.49 -11.79 21.29
C THR A 87 5.27 -10.92 21.63
N ALA A 88 4.21 -10.98 20.82
CA ALA A 88 2.97 -10.30 21.16
C ALA A 88 2.38 -11.10 22.33
N GLU A 89 1.55 -10.48 23.16
CA GLU A 89 0.90 -11.23 24.24
C GLU A 89 -0.14 -12.23 23.68
N GLY A 90 -0.23 -13.39 24.32
CA GLY A 90 -1.24 -14.36 23.95
C GLY A 90 -0.80 -15.50 23.08
N SER A 91 0.48 -15.50 22.72
CA SER A 91 1.01 -16.58 21.92
C SER A 91 1.21 -17.85 22.75
N LYS A 92 1.00 -19.02 22.15
CA LYS A 92 1.24 -20.28 22.83
C LYS A 92 2.72 -20.69 22.77
N LEU A 93 3.50 -20.01 21.94
CA LEU A 93 4.92 -20.31 21.80
C LEU A 93 5.69 -19.36 22.70
N PRO A 94 6.91 -19.76 23.12
CA PRO A 94 7.60 -21.01 22.77
C PRO A 94 7.10 -22.21 23.55
N VAL A 95 7.36 -23.39 23.00
CA VAL A 95 7.13 -24.68 23.67
C VAL A 95 8.23 -25.64 23.25
N PRO A 96 8.57 -26.62 24.10
CA PRO A 96 9.62 -27.56 23.67
C PRO A 96 9.12 -28.32 22.40
N VAL A 97 10.03 -28.63 21.48
CA VAL A 97 9.71 -29.36 20.25
C VAL A 97 9.00 -30.68 20.61
N SER A 98 9.50 -31.33 21.64
CA SER A 98 8.93 -32.62 22.09
C SER A 98 7.44 -32.51 22.49
N SER A 99 6.95 -31.32 22.85
CA SER A 99 5.56 -31.18 23.23
C SER A 99 4.63 -30.91 22.06
N MET A 100 5.20 -30.69 20.87
CA MET A 100 4.36 -30.43 19.73
C MET A 100 3.85 -31.66 19.00
N LYS A 101 2.54 -31.93 19.11
CA LYS A 101 1.95 -33.05 18.39
C LYS A 101 1.81 -32.67 16.93
N SER A 102 1.28 -31.48 16.68
CA SER A 102 1.14 -31.01 15.31
C SER A 102 1.06 -29.50 15.33
N PHE A 103 1.36 -28.88 14.19
CA PHE A 103 1.29 -27.44 14.13
C PHE A 103 0.94 -27.09 12.70
N SER A 104 -0.35 -26.92 12.42
CA SER A 104 -0.78 -26.58 11.06
C SER A 104 -0.72 -25.12 10.80
N VAL A 105 -0.19 -24.79 9.63
CA VAL A 105 -0.08 -23.42 9.19
C VAL A 105 -0.72 -23.29 7.82
N GLU A 106 -1.59 -22.31 7.64
CA GLU A 106 -2.23 -22.08 6.35
C GLU A 106 -2.18 -20.61 6.00
N VAL A 107 -1.90 -20.29 4.74
CA VAL A 107 -1.91 -18.91 4.34
C VAL A 107 -2.01 -18.88 2.80
N SER A 108 -2.65 -17.86 2.25
CA SER A 108 -2.75 -17.58 0.81
C SER A 108 -1.71 -16.48 0.59
N PHE A 109 -1.04 -16.50 -0.56
CA PHE A 109 -0.06 -15.48 -0.82
C PHE A 109 0.05 -15.17 -2.31
N ASP A 110 0.60 -14.00 -2.61
CA ASP A 110 0.78 -13.61 -4.01
C ASP A 110 2.07 -12.79 -3.96
N ILE A 111 3.13 -13.26 -4.63
CA ILE A 111 4.41 -12.55 -4.54
C ILE A 111 4.69 -11.86 -5.88
N HIS A 112 5.15 -10.61 -5.91
CA HIS A 112 5.51 -10.05 -7.23
C HIS A 112 6.89 -9.40 -7.08
N HIS A 113 7.71 -9.45 -8.13
CA HIS A 113 9.04 -8.84 -8.00
C HIS A 113 9.61 -8.57 -9.39
N GLU A 114 10.50 -7.59 -9.52
CA GLU A 114 11.20 -7.36 -10.79
C GLU A 114 11.96 -8.68 -11.04
N PRO A 115 12.10 -9.08 -12.31
CA PRO A 115 12.77 -10.36 -12.60
C PRO A 115 14.18 -10.64 -12.06
N SER A 116 15.00 -9.61 -11.96
CA SER A 116 16.36 -9.86 -11.53
C SER A 116 16.58 -9.98 -10.04
N LEU A 117 15.57 -9.65 -9.24
CA LEU A 117 15.81 -9.63 -7.80
C LEU A 117 15.88 -10.99 -7.06
N PRO A 118 16.98 -11.25 -6.29
CA PRO A 118 17.08 -12.50 -5.53
C PRO A 118 15.97 -12.37 -4.48
N LEU A 119 15.12 -13.39 -4.36
CA LEU A 119 13.97 -13.28 -3.38
C LEU A 119 13.44 -14.69 -3.07
N ASN A 120 12.91 -14.90 -1.86
CA ASN A 120 12.22 -16.17 -1.64
C ASN A 120 10.92 -15.84 -0.92
N PHE A 121 10.03 -16.86 -0.84
CA PHE A 121 8.86 -16.76 0.04
C PHE A 121 9.23 -17.93 1.01
N ALA A 122 9.56 -17.57 2.24
CA ALA A 122 10.07 -18.57 3.17
C ALA A 122 9.53 -18.35 4.57
N MET A 123 9.28 -19.46 5.24
CA MET A 123 8.78 -19.42 6.62
C MET A 123 9.92 -19.94 7.46
N GLU A 124 9.94 -19.61 8.75
CA GLU A 124 11.04 -20.13 9.54
C GLU A 124 10.79 -20.15 11.00
N THR A 125 11.56 -20.99 11.71
CA THR A 125 11.51 -20.99 13.16
C THR A 125 12.96 -21.02 13.69
N TRP A 126 13.10 -20.73 15.00
CA TRP A 126 14.40 -20.76 15.67
C TRP A 126 14.19 -21.75 16.82
N LEU A 127 15.03 -22.78 16.88
CA LEU A 127 14.95 -23.81 17.95
C LEU A 127 16.09 -23.45 18.85
N THR A 128 15.79 -23.06 20.11
CA THR A 128 16.80 -22.63 21.06
C THR A 128 16.87 -23.48 22.37
N ARG A 129 18.04 -23.50 22.97
CA ARG A 129 18.26 -24.26 24.19
C ARG A 129 17.47 -23.67 25.35
N GLU A 130 17.49 -22.34 25.47
CA GLU A 130 16.70 -21.71 26.54
C GLU A 130 15.46 -21.11 25.91
N LYS A 131 14.46 -20.88 26.72
CA LYS A 131 13.18 -20.43 26.20
C LYS A 131 13.16 -19.03 25.57
N TYR A 132 13.84 -18.07 26.21
CA TYR A 132 13.82 -16.70 25.75
C TYR A 132 15.22 -16.11 25.53
N GLN A 133 15.93 -16.72 24.60
CA GLN A 133 17.23 -16.24 24.22
C GLN A 133 17.08 -14.99 23.41
N THR A 134 18.15 -14.18 23.34
CA THR A 134 18.09 -12.99 22.52
C THR A 134 18.99 -13.13 21.27
N GLU A 135 19.49 -14.33 21.04
CA GLU A 135 20.31 -14.67 19.85
C GLU A 135 20.33 -16.20 19.70
N ALA A 136 20.85 -16.69 18.57
CA ALA A 136 21.01 -18.13 18.40
C ALA A 136 22.50 -18.31 18.38
N SER A 137 23.01 -19.42 18.91
CA SER A 137 24.45 -19.71 18.80
C SER A 137 24.62 -21.21 18.65
N ILE A 138 25.84 -21.71 18.88
CA ILE A 138 26.10 -23.14 18.67
C ILE A 138 25.22 -23.92 19.58
N GLY A 139 24.54 -24.91 19.01
CA GLY A 139 23.60 -25.71 19.79
C GLY A 139 22.16 -25.38 19.39
N ASP A 140 21.93 -24.22 18.76
CA ASP A 140 20.60 -23.79 18.32
C ASP A 140 20.42 -24.07 16.82
N VAL A 141 19.17 -23.97 16.35
CA VAL A 141 18.89 -24.29 14.94
C VAL A 141 17.91 -23.30 14.32
N CYS A 142 18.14 -22.96 13.07
CA CYS A 142 17.19 -22.09 12.30
C CYS A 142 16.62 -23.09 11.28
N ILE A 143 15.29 -23.26 11.17
CA ILE A 143 14.75 -24.15 10.13
C ILE A 143 13.87 -23.29 9.23
N MET A 144 14.14 -23.31 7.94
CA MET A 144 13.34 -22.52 7.01
C MET A 144 12.59 -23.48 6.04
N VAL A 145 11.44 -23.02 5.52
CA VAL A 145 10.61 -23.77 4.54
C VAL A 145 10.36 -22.80 3.42
N TRP A 146 10.96 -23.07 2.25
CA TRP A 146 10.85 -22.15 1.14
C TRP A 146 9.82 -22.64 0.15
N PHE A 147 8.74 -21.88 -0.03
CA PHE A 147 7.74 -22.24 -1.06
C PHE A 147 8.00 -21.62 -2.42
N TYR A 148 8.84 -20.57 -2.47
CA TYR A 148 9.16 -19.89 -3.73
C TYR A 148 10.57 -19.32 -3.64
N PHE A 149 11.25 -19.21 -4.80
CA PHE A 149 12.55 -18.56 -4.81
C PHE A 149 12.77 -18.07 -6.24
N ASN A 150 13.57 -17.02 -6.35
CA ASN A 150 13.91 -16.45 -7.66
C ASN A 150 15.34 -15.97 -7.51
N ASN A 151 16.27 -16.48 -8.33
CA ASN A 151 17.69 -16.02 -8.25
C ASN A 151 18.26 -16.13 -6.83
N LEU A 152 17.93 -17.22 -6.15
CA LEU A 152 18.42 -17.33 -4.82
C LEU A 152 18.43 -18.80 -4.43
N THR A 153 19.57 -19.23 -3.93
CA THR A 153 19.64 -20.61 -3.40
C THR A 153 19.82 -20.47 -1.87
N PRO A 154 19.52 -21.55 -1.13
CA PRO A 154 19.68 -21.49 0.33
C PRO A 154 21.15 -21.48 0.64
N GLY A 155 21.44 -21.18 1.91
CA GLY A 155 22.85 -21.20 2.33
C GLY A 155 23.33 -22.63 2.49
N GLY A 156 24.65 -22.79 2.67
CA GLY A 156 25.18 -24.11 2.84
C GLY A 156 25.19 -24.97 1.59
N GLU A 157 24.98 -26.27 1.80
CA GLU A 157 24.95 -27.11 0.63
C GLU A 157 23.75 -28.05 0.72
N LYS A 158 23.31 -28.49 -0.43
CA LYS A 158 22.16 -29.42 -0.48
C LYS A 158 22.65 -30.80 -0.08
N ILE A 159 22.08 -31.37 0.95
CA ILE A 159 22.48 -32.70 1.40
C ILE A 159 21.44 -33.80 1.17
N GLU A 160 20.14 -33.47 1.21
CA GLU A 160 19.12 -34.52 1.08
C GLU A 160 17.87 -34.03 0.41
N GLU A 161 16.93 -34.95 0.19
CA GLU A 161 15.61 -34.57 -0.29
C GLU A 161 14.59 -35.31 0.57
N PHE A 162 13.45 -34.68 0.84
CA PHE A 162 12.37 -35.34 1.58
C PHE A 162 11.04 -35.18 0.82
N THR A 163 10.16 -36.17 0.94
CA THR A 163 8.85 -36.07 0.30
C THR A 163 7.94 -35.76 1.47
N ILE A 164 7.34 -34.59 1.42
CA ILE A 164 6.46 -34.04 2.48
C ILE A 164 5.21 -33.51 1.87
N PRO A 165 4.07 -33.97 2.36
CA PRO A 165 2.79 -33.55 1.83
C PRO A 165 2.39 -32.15 2.27
N PHE A 166 1.57 -31.49 1.44
CA PHE A 166 1.00 -30.21 1.86
C PHE A 166 -0.26 -30.05 1.01
N VAL A 167 -1.10 -29.07 1.35
CA VAL A 167 -2.32 -28.85 0.61
C VAL A 167 -2.14 -27.59 -0.18
N LEU A 168 -2.21 -27.72 -1.51
CA LEU A 168 -1.99 -26.62 -2.41
C LEU A 168 -3.30 -26.29 -3.06
N ASN A 169 -3.81 -25.11 -2.73
CA ASN A 169 -5.07 -24.64 -3.29
C ASN A 169 -6.18 -25.62 -3.03
N GLY A 170 -6.18 -26.20 -1.83
CA GLY A 170 -7.23 -27.14 -1.47
C GLY A 170 -7.01 -28.58 -1.82
N GLU A 171 -5.98 -28.85 -2.63
CA GLU A 171 -5.66 -30.23 -3.05
C GLU A 171 -4.45 -30.81 -2.34
N SER A 172 -4.60 -31.97 -1.70
CA SER A 172 -3.42 -32.58 -1.04
C SER A 172 -2.41 -32.98 -2.14
N VAL A 173 -1.15 -32.56 -2.00
CA VAL A 173 -0.12 -32.96 -2.98
C VAL A 173 1.11 -33.44 -2.17
N GLU A 174 2.09 -34.05 -2.84
CA GLU A 174 3.30 -34.52 -2.18
C GLU A 174 4.41 -33.63 -2.71
N GLY A 175 5.02 -32.80 -1.87
CA GLY A 175 6.09 -31.99 -2.43
C GLY A 175 7.43 -32.68 -2.25
N THR A 176 8.39 -32.31 -3.10
CA THR A 176 9.71 -32.85 -2.94
C THR A 176 10.51 -31.65 -2.46
N TRP A 177 11.22 -31.82 -1.34
CA TRP A 177 11.92 -30.70 -0.71
C TRP A 177 13.37 -30.96 -0.59
N GLU A 178 14.19 -30.02 -1.06
CA GLU A 178 15.63 -30.22 -0.90
C GLU A 178 15.97 -29.74 0.46
N LEU A 179 16.86 -30.44 1.19
CA LEU A 179 17.29 -29.97 2.48
C LEU A 179 18.69 -29.45 2.30
N TRP A 180 18.91 -28.15 2.61
CA TRP A 180 20.23 -27.51 2.54
C TRP A 180 20.68 -27.28 3.99
N LEU A 181 21.94 -27.52 4.28
CA LEU A 181 22.43 -27.39 5.65
C LEU A 181 23.69 -26.60 5.71
N ALA A 182 23.79 -25.72 6.68
CA ALA A 182 25.01 -24.94 6.85
C ALA A 182 25.32 -24.91 8.33
N GLU A 183 26.60 -24.98 8.69
CA GLU A 183 27.00 -24.88 10.11
C GLU A 183 27.70 -23.53 10.25
N TRP A 184 26.97 -22.54 10.75
CA TRP A 184 27.49 -21.20 10.90
C TRP A 184 27.53 -20.95 12.39
N GLY A 185 27.07 -19.78 12.83
CA GLY A 185 27.08 -19.46 14.26
C GLY A 185 26.07 -20.35 14.97
N TRP A 186 25.14 -20.90 14.20
CA TRP A 186 24.12 -21.83 14.66
C TRP A 186 23.90 -22.77 13.46
N ASP A 187 23.11 -23.82 13.63
CA ASP A 187 22.87 -24.68 12.45
C ASP A 187 21.74 -24.13 11.63
N TYR A 188 21.91 -24.10 10.32
CA TYR A 188 20.88 -23.58 9.42
C TYR A 188 20.37 -24.73 8.58
N LEU A 189 19.04 -24.96 8.59
CA LEU A 189 18.46 -26.00 7.74
C LEU A 189 17.37 -25.35 6.87
N ALA A 190 17.50 -25.42 5.56
CA ALA A 190 16.46 -24.83 4.72
C ALA A 190 15.84 -25.92 3.84
N PHE A 191 14.50 -26.09 3.91
CA PHE A 191 13.82 -27.04 3.04
C PHE A 191 13.28 -26.21 1.89
N ARG A 192 13.70 -26.54 0.66
CA ARG A 192 13.26 -25.76 -0.49
C ARG A 192 12.40 -26.62 -1.45
N LEU A 193 11.15 -26.18 -1.63
CA LEU A 193 10.20 -26.91 -2.50
C LEU A 193 10.75 -26.89 -3.96
N LYS A 194 10.78 -28.06 -4.58
CA LYS A 194 11.38 -28.14 -5.91
C LYS A 194 10.52 -27.60 -7.03
N ASP A 195 9.23 -27.44 -6.80
CA ASP A 195 8.36 -26.84 -7.82
C ASP A 195 7.85 -25.62 -7.09
N PRO A 196 8.61 -24.51 -7.15
CA PRO A 196 8.17 -23.31 -6.40
C PRO A 196 6.81 -22.74 -6.87
N VAL A 197 6.09 -22.17 -5.91
CA VAL A 197 4.76 -21.58 -6.16
C VAL A 197 4.85 -20.10 -5.83
N LYS A 198 4.53 -19.25 -6.80
CA LYS A 198 4.64 -17.80 -6.65
C LYS A 198 3.36 -17.15 -6.12
N LYS A 199 2.22 -17.84 -6.30
CA LYS A 199 0.92 -17.33 -5.85
C LYS A 199 0.06 -18.56 -5.61
N GLY A 200 -0.64 -18.60 -4.47
CA GLY A 200 -1.50 -19.73 -4.21
C GLY A 200 -1.90 -19.78 -2.76
N ARG A 201 -2.35 -20.95 -2.33
CA ARG A 201 -2.72 -21.08 -0.92
C ARG A 201 -2.07 -22.37 -0.48
N VAL A 202 -1.41 -22.36 0.68
CA VAL A 202 -0.83 -23.59 1.12
C VAL A 202 -1.20 -23.88 2.56
N LYS A 203 -1.28 -25.16 2.91
CA LYS A 203 -1.54 -25.57 4.29
C LYS A 203 -0.68 -26.77 4.58
N PHE A 204 0.02 -26.81 5.71
CA PHE A 204 0.89 -27.93 6.01
C PHE A 204 1.16 -28.03 7.48
N ASP A 205 1.73 -29.16 7.87
CA ASP A 205 2.01 -29.41 9.27
C ASP A 205 3.52 -29.27 9.46
N VAL A 206 3.88 -28.27 10.25
CA VAL A 206 5.28 -28.01 10.56
C VAL A 206 5.96 -29.23 11.20
N ARG A 207 5.17 -30.08 11.87
CA ARG A 207 5.76 -31.23 12.51
C ARG A 207 6.54 -32.11 11.50
N HIS A 208 6.10 -32.18 10.25
CA HIS A 208 6.81 -33.00 9.25
C HIS A 208 8.22 -32.47 9.04
N PHE A 209 8.34 -31.16 9.08
CA PHE A 209 9.70 -30.56 8.88
C PHE A 209 10.57 -30.72 10.12
N LEU A 210 9.94 -30.65 11.29
CA LEU A 210 10.71 -30.87 12.48
C LEU A 210 11.19 -32.31 12.48
N ASP A 211 10.30 -33.24 12.08
CA ASP A 211 10.72 -34.63 12.06
C ASP A 211 11.93 -34.85 11.10
N ALA A 212 11.86 -34.27 9.90
CA ALA A 212 12.92 -34.43 8.91
C ALA A 212 14.21 -33.79 9.44
N ALA A 213 14.09 -32.61 10.07
CA ALA A 213 15.25 -31.95 10.59
C ALA A 213 15.92 -32.77 11.69
N GLY A 214 15.09 -33.34 12.59
CA GLY A 214 15.61 -34.13 13.69
C GLY A 214 16.39 -35.34 13.14
N LYS A 215 15.86 -35.96 12.10
CA LYS A 215 16.58 -37.08 11.46
C LYS A 215 17.90 -36.63 10.85
N ALA A 216 17.86 -35.52 10.13
CA ALA A 216 19.09 -34.99 9.51
C ALA A 216 20.15 -34.60 10.49
N LEU A 217 19.77 -34.15 11.68
CA LEU A 217 20.71 -33.71 12.71
C LEU A 217 21.04 -34.79 13.77
N SER A 218 20.60 -36.02 13.49
CA SER A 218 20.75 -37.10 14.48
C SER A 218 22.19 -37.45 14.81
N SER A 219 23.12 -37.15 13.91
CA SER A 219 24.49 -37.43 14.21
C SER A 219 25.26 -36.14 14.40
N SER A 220 24.57 -35.03 14.66
CA SER A 220 25.28 -33.77 14.81
C SER A 220 26.13 -33.72 16.09
N ALA A 221 27.27 -33.05 16.03
CA ALA A 221 28.09 -32.89 17.24
C ALA A 221 27.81 -31.49 17.85
N ARG A 222 27.04 -30.67 17.15
CA ARG A 222 26.77 -29.31 17.62
C ARG A 222 25.39 -29.25 18.29
N VAL A 223 24.41 -29.86 17.64
CA VAL A 223 23.05 -29.85 18.12
C VAL A 223 22.87 -31.09 18.92
N LYS A 224 22.76 -30.87 20.22
CA LYS A 224 22.62 -31.96 21.17
C LYS A 224 21.26 -32.64 21.30
N ASP A 225 20.35 -32.07 22.04
CA ASP A 225 19.10 -32.80 22.19
C ASP A 225 18.00 -32.01 21.49
N PHE A 226 17.86 -32.33 20.20
CA PHE A 226 16.90 -31.64 19.35
C PHE A 226 15.50 -31.48 19.89
N GLU A 227 14.95 -32.58 20.39
CA GLU A 227 13.57 -32.55 20.83
C GLU A 227 13.37 -31.75 22.12
N ASP A 228 14.47 -31.41 22.78
CA ASP A 228 14.40 -30.62 24.00
C ASP A 228 14.54 -29.10 23.73
N LEU A 229 14.84 -28.75 22.49
CA LEU A 229 14.96 -27.33 22.13
C LEU A 229 13.57 -26.69 22.13
N TYR A 230 13.52 -25.39 22.35
CA TYR A 230 12.26 -24.67 22.32
C TYR A 230 11.96 -24.21 20.91
N PHE A 231 10.75 -24.50 20.45
CA PHE A 231 10.23 -24.03 19.17
C PHE A 231 9.71 -22.64 19.55
N THR A 232 10.42 -21.60 19.14
CA THR A 232 10.05 -20.27 19.61
C THR A 232 9.01 -19.45 18.84
N VAL A 233 8.94 -19.70 17.53
CA VAL A 233 8.22 -18.77 16.66
C VAL A 233 7.91 -19.36 15.30
N TRP A 234 6.98 -18.76 14.58
CA TRP A 234 6.80 -19.19 13.20
C TRP A 234 6.72 -17.87 12.43
N GLU A 235 7.74 -17.66 11.61
CA GLU A 235 7.81 -16.43 10.78
C GLU A 235 7.46 -16.73 9.33
N ILE A 236 6.74 -15.80 8.73
CA ILE A 236 6.35 -15.91 7.33
C ILE A 236 6.72 -14.62 6.61
N GLY A 237 7.54 -14.72 5.56
CA GLY A 237 7.95 -13.49 4.88
C GLY A 237 8.73 -13.75 3.60
N THR A 238 9.46 -12.75 3.12
CA THR A 238 10.24 -12.89 1.87
C THR A 238 11.65 -12.36 2.08
N GLU A 239 12.66 -13.22 2.03
CA GLU A 239 14.00 -12.69 2.12
C GLU A 239 14.26 -12.12 0.72
N PHE A 240 15.10 -11.08 0.63
CA PHE A 240 15.41 -10.59 -0.71
C PHE A 240 16.80 -10.00 -0.72
N GLY A 241 17.36 -9.92 -1.94
CA GLY A 241 18.65 -9.28 -2.15
C GLY A 241 19.90 -10.12 -2.04
N SER A 242 20.95 -9.63 -2.70
CA SER A 242 22.30 -10.29 -2.56
C SER A 242 23.24 -9.13 -2.31
N PRO A 243 24.53 -9.41 -2.13
CA PRO A 243 25.50 -8.35 -1.90
C PRO A 243 25.66 -7.42 -3.09
N GLU A 244 25.19 -7.84 -4.28
CA GLU A 244 25.30 -6.96 -5.44
C GLU A 244 24.04 -6.19 -5.77
N THR A 245 22.98 -6.40 -4.99
CA THR A 245 21.72 -5.72 -5.26
C THR A 245 21.79 -4.25 -4.91
N LYS A 246 21.54 -3.37 -5.87
CA LYS A 246 21.60 -1.95 -5.62
C LYS A 246 20.19 -1.33 -5.56
N SER A 247 19.19 -2.03 -6.05
CA SER A 247 17.83 -1.52 -5.99
C SER A 247 16.88 -2.71 -5.94
N ALA A 248 15.67 -2.50 -5.41
CA ALA A 248 14.78 -3.66 -5.27
C ALA A 248 13.37 -3.18 -5.43
N GLN A 249 12.61 -3.82 -6.30
CA GLN A 249 11.20 -3.45 -6.51
C GLN A 249 10.40 -4.78 -6.38
N PHE A 250 9.56 -4.90 -5.35
CA PHE A 250 8.83 -6.15 -5.19
C PHE A 250 7.78 -5.92 -4.09
N GLY A 251 6.93 -6.92 -3.88
CA GLY A 251 5.95 -6.80 -2.82
C GLY A 251 5.16 -8.09 -2.72
N TRP A 252 4.23 -8.12 -1.78
CA TRP A 252 3.46 -9.31 -1.61
C TRP A 252 2.16 -8.98 -0.88
N LYS A 253 1.26 -9.95 -0.92
CA LYS A 253 0.01 -9.87 -0.19
C LYS A 253 -0.19 -11.25 0.44
N PHE A 254 -0.55 -11.27 1.72
CA PHE A 254 -0.84 -12.53 2.42
C PHE A 254 -2.28 -12.41 2.94
N GLU A 255 -3.03 -13.52 2.83
CA GLU A 255 -4.44 -13.52 3.29
C GLU A 255 -4.79 -14.88 3.80
N ASN A 256 -6.02 -15.02 4.34
CA ASN A 256 -6.48 -16.36 4.72
C ASN A 256 -5.59 -17.12 5.68
N PHE A 257 -5.04 -16.42 6.68
CA PHE A 257 -4.11 -17.05 7.60
C PHE A 257 -4.80 -17.78 8.75
N SER A 258 -4.34 -18.98 9.03
CA SER A 258 -4.86 -19.68 10.21
C SER A 258 -3.79 -20.65 10.70
N ILE A 259 -3.84 -20.96 11.98
CA ILE A 259 -2.91 -21.92 12.55
C ILE A 259 -3.64 -22.86 13.49
N ASP A 260 -3.01 -24.00 13.76
CA ASP A 260 -3.57 -24.94 14.74
C ASP A 260 -2.39 -25.65 15.38
N LEU A 261 -2.01 -25.16 16.56
CA LEU A 261 -0.94 -25.76 17.37
C LEU A 261 -1.57 -26.76 18.39
N GLU A 262 -1.22 -28.04 18.26
CA GLU A 262 -1.69 -29.07 19.21
C GLU A 262 -0.48 -29.48 20.03
N VAL A 263 -0.57 -29.21 21.34
CA VAL A 263 0.53 -29.45 22.23
C VAL A 263 0.20 -30.40 23.32
N VAL B 10 3.99 2.27 -8.84
CA VAL B 10 4.51 3.53 -8.25
C VAL B 10 4.21 3.41 -6.77
N LEU B 11 5.18 3.73 -5.93
CA LEU B 11 4.92 3.71 -4.48
C LEU B 11 5.55 4.99 -3.88
N MET B 12 4.79 5.80 -3.14
CA MET B 12 5.38 7.00 -2.51
C MET B 12 4.96 6.97 -1.05
N THR B 13 5.86 7.39 -0.17
CA THR B 13 5.56 7.36 1.27
C THR B 13 5.87 8.72 1.89
N LYS B 14 6.03 9.72 1.04
CA LYS B 14 6.18 11.09 1.55
C LYS B 14 5.65 11.97 0.41
N PRO B 15 5.38 13.24 0.68
CA PRO B 15 4.85 14.14 -0.37
C PRO B 15 5.74 14.13 -1.62
N GLY B 16 5.09 14.04 -2.79
CA GLY B 16 5.81 14.05 -4.04
C GLY B 16 4.85 13.75 -5.15
N THR B 17 5.37 13.78 -6.38
CA THR B 17 4.57 13.50 -7.57
C THR B 17 5.29 12.44 -8.39
N SER B 18 4.52 11.57 -9.03
CA SER B 18 5.05 10.51 -9.89
C SER B 18 4.14 10.34 -11.12
N ASP B 19 4.70 10.19 -12.31
CA ASP B 19 3.86 9.98 -13.47
C ASP B 19 3.69 8.48 -13.64
N PHE B 20 2.63 8.08 -14.32
CA PHE B 20 2.35 6.66 -14.59
C PHE B 20 1.39 6.57 -15.80
N VAL B 21 1.16 5.36 -16.29
CA VAL B 21 0.21 5.20 -17.37
C VAL B 21 -0.74 4.15 -16.86
N TRP B 22 -2.04 4.37 -16.99
CA TRP B 22 -3.05 3.43 -16.49
C TRP B 22 -4.06 3.19 -17.63
N ASN B 23 -4.15 1.95 -18.10
CA ASN B 23 -5.09 1.63 -19.19
C ASN B 23 -4.73 2.50 -20.40
N GLY B 24 -3.45 2.72 -20.62
CA GLY B 24 -3.04 3.55 -21.73
C GLY B 24 -3.15 5.06 -21.58
N ILE B 25 -3.64 5.55 -20.44
CA ILE B 25 -3.79 6.96 -20.19
C ILE B 25 -2.67 7.45 -19.30
N PRO B 26 -1.89 8.46 -19.76
CA PRO B 26 -0.77 9.04 -19.00
C PRO B 26 -1.38 9.93 -17.92
N LEU B 27 -0.89 9.76 -16.69
CA LEU B 27 -1.43 10.46 -15.52
C LEU B 27 -0.31 10.79 -14.53
N SER B 28 -0.67 11.61 -13.55
CA SER B 28 0.27 11.97 -12.50
C SER B 28 -0.39 11.70 -11.17
N MET B 29 0.37 11.27 -10.16
CA MET B 29 -0.26 11.02 -8.85
C MET B 29 0.53 11.87 -7.89
N GLU B 30 -0.17 12.54 -6.97
CA GLU B 30 0.56 13.41 -6.07
C GLU B 30 0.11 13.11 -4.64
N LEU B 31 1.10 12.85 -3.78
CA LEU B 31 0.84 12.59 -2.38
C LEU B 31 0.93 14.03 -1.88
N ASN B 32 -0.24 14.65 -1.94
CA ASN B 32 -0.40 16.07 -1.70
C ASN B 32 -0.85 16.46 -0.31
N LEU B 33 0.10 16.94 0.49
CA LEU B 33 -0.20 17.38 1.87
C LEU B 33 0.12 18.90 1.84
N TRP B 34 -0.44 19.60 0.84
CA TRP B 34 -0.06 21.00 0.62
C TRP B 34 -0.13 21.99 1.75
N ASN B 35 -1.11 21.87 2.63
CA ASN B 35 -1.22 22.83 3.72
C ASN B 35 -0.88 22.24 5.12
N ILE B 36 0.00 21.22 5.12
CA ILE B 36 0.46 20.58 6.38
C ILE B 36 1.86 21.10 6.70
N LYS B 37 1.97 21.77 7.84
CA LYS B 37 3.23 22.32 8.30
C LYS B 37 4.18 21.18 8.67
N GLU B 38 3.68 20.20 9.41
CA GLU B 38 4.50 19.05 9.81
C GLU B 38 3.56 17.89 10.23
N TYR B 39 4.07 16.67 10.20
CA TYR B 39 3.23 15.53 10.61
C TYR B 39 4.10 14.42 11.13
N SER B 40 3.53 13.52 11.94
CA SER B 40 4.26 12.35 12.35
C SER B 40 3.40 11.22 11.75
N GLY B 41 3.91 9.98 11.77
CA GLY B 41 3.12 8.88 11.28
C GLY B 41 3.44 8.49 9.84
N SER B 42 2.52 7.80 9.20
CA SER B 42 2.80 7.27 7.85
C SER B 42 1.71 7.64 6.84
N VAL B 43 2.21 7.82 5.62
CA VAL B 43 1.29 7.99 4.45
C VAL B 43 1.90 7.04 3.36
N ALA B 44 1.04 6.44 2.54
CA ALA B 44 1.51 5.56 1.49
C ALA B 44 0.55 5.69 0.32
N MET B 45 1.07 5.91 -0.88
CA MET B 45 0.22 6.03 -2.09
C MET B 45 0.83 5.06 -3.12
N LYS B 46 -0.03 4.23 -3.69
CA LYS B 46 0.49 3.23 -4.60
C LYS B 46 -0.35 3.02 -5.86
N PHE B 47 0.34 2.79 -6.98
CA PHE B 47 -0.33 2.42 -8.24
C PHE B 47 0.32 1.11 -8.60
N ASP B 48 -0.48 0.07 -8.78
CA ASP B 48 0.04 -1.25 -9.08
C ASP B 48 -0.34 -1.74 -10.47
N GLY B 49 -0.72 -0.83 -11.36
CA GLY B 49 -1.12 -1.25 -12.71
C GLY B 49 -2.61 -1.41 -12.86
N GLU B 50 -3.34 -1.67 -11.77
CA GLU B 50 -4.78 -1.82 -11.89
C GLU B 50 -5.58 -0.90 -10.99
N LYS B 51 -4.97 -0.37 -9.93
CA LYS B 51 -5.72 0.47 -9.00
C LYS B 51 -4.76 1.43 -8.33
N ILE B 52 -5.31 2.51 -7.79
CA ILE B 52 -4.47 3.48 -7.06
C ILE B 52 -4.98 3.44 -5.65
N THR B 53 -4.09 3.37 -4.65
CA THR B 53 -4.60 3.33 -3.27
C THR B 53 -3.82 4.34 -2.45
N PHE B 54 -4.46 4.81 -1.38
CA PHE B 54 -3.82 5.78 -0.51
C PHE B 54 -4.24 5.44 0.91
N ASP B 55 -3.31 5.56 1.87
CA ASP B 55 -3.67 5.34 3.27
C ASP B 55 -2.83 6.32 4.11
N ALA B 56 -3.47 6.91 5.11
CA ALA B 56 -2.78 7.82 6.00
C ALA B 56 -3.14 7.48 7.42
N ASP B 57 -2.12 7.50 8.28
CA ASP B 57 -2.36 7.35 9.74
C ASP B 57 -1.33 8.38 10.27
N ILE B 58 -1.72 9.66 10.30
CA ILE B 58 -0.77 10.72 10.69
C ILE B 58 -1.22 11.52 11.90
N GLN B 59 -0.25 12.14 12.57
CA GLN B 59 -0.57 12.94 13.75
C GLN B 59 0.28 14.17 13.77
N ASN B 60 0.24 14.90 14.88
CA ASN B 60 1.03 16.10 15.05
C ASN B 60 0.74 17.10 13.94
N LEU B 61 -0.49 17.15 13.48
CA LEU B 61 -0.81 18.05 12.34
C LEU B 61 -1.15 19.48 12.74
N SER B 62 -0.70 20.40 11.92
CA SER B 62 -1.09 21.80 12.05
C SER B 62 -0.97 22.38 10.62
N PRO B 63 -1.84 23.35 10.30
CA PRO B 63 -1.82 23.95 8.96
C PRO B 63 -0.71 24.93 8.68
N LYS B 64 -0.22 24.96 7.44
CA LYS B 64 0.82 25.92 7.10
C LYS B 64 0.12 27.31 7.13
N GLU B 65 -1.10 27.34 6.58
CA GLU B 65 -1.92 28.56 6.56
C GLU B 65 -3.29 28.18 7.07
N PRO B 66 -3.56 28.49 8.34
CA PRO B 66 -4.86 28.13 8.92
C PRO B 66 -6.10 28.60 8.17
N GLU B 67 -5.98 29.78 7.56
CA GLU B 67 -7.07 30.36 6.80
C GLU B 67 -7.56 29.44 5.67
N ARG B 68 -6.64 28.71 5.07
CA ARG B 68 -6.98 27.80 3.98
C ARG B 68 -7.85 26.63 4.43
N TYR B 69 -7.97 26.47 5.74
CA TYR B 69 -8.78 25.44 6.35
C TYR B 69 -8.41 23.95 6.16
N VAL B 70 -8.44 23.43 4.93
CA VAL B 70 -8.11 21.99 4.77
C VAL B 70 -6.62 21.80 4.89
N LEU B 71 -6.19 20.53 4.99
CA LEU B 71 -4.76 20.26 5.16
C LEU B 71 -4.07 19.66 3.92
N GLY B 72 -4.84 18.88 3.16
CA GLY B 72 -4.21 18.28 1.99
C GLY B 72 -5.23 17.74 0.99
N TYR B 73 -4.72 17.14 -0.09
CA TYR B 73 -5.56 16.66 -1.20
C TYR B 73 -4.85 15.54 -1.99
N PRO B 74 -4.60 14.40 -1.35
CA PRO B 74 -3.92 13.30 -2.09
C PRO B 74 -4.80 12.97 -3.31
N GLU B 75 -4.16 12.82 -4.46
CA GLU B 75 -4.93 12.76 -5.70
C GLU B 75 -4.15 12.20 -6.86
N PHE B 76 -4.83 12.03 -7.99
CA PHE B 76 -4.13 11.70 -9.23
C PHE B 76 -4.84 12.59 -10.28
N TYR B 77 -4.18 12.82 -11.40
CA TYR B 77 -4.74 13.74 -12.37
C TYR B 77 -4.30 13.50 -13.78
N TYR B 78 -5.13 14.00 -14.70
CA TYR B 78 -4.89 13.91 -16.17
C TYR B 78 -4.69 15.33 -16.60
N GLY B 79 -3.59 15.62 -17.26
CA GLY B 79 -3.33 16.97 -17.67
C GLY B 79 -2.28 17.68 -16.87
N TYR B 80 -2.31 19.00 -17.01
CA TYR B 80 -1.38 19.95 -16.44
C TYR B 80 -1.89 20.67 -15.18
N LYS B 81 -1.29 20.36 -14.02
CA LYS B 81 -1.69 21.02 -12.75
C LYS B 81 -0.89 22.32 -12.67
N PRO B 82 -1.53 23.48 -12.77
CA PRO B 82 -0.74 24.73 -12.71
C PRO B 82 0.20 24.92 -11.52
N TRP B 83 -0.30 24.66 -10.32
CA TRP B 83 0.50 24.87 -9.14
C TRP B 83 1.80 24.09 -9.10
N GLU B 84 1.86 22.99 -9.83
CA GLU B 84 3.05 22.16 -9.83
C GLU B 84 3.82 22.26 -11.14
N ASN B 85 3.38 23.15 -12.04
CA ASN B 85 4.04 23.27 -13.35
C ASN B 85 4.35 21.86 -13.85
N HIS B 86 3.37 20.98 -13.83
CA HIS B 86 3.64 19.61 -14.21
C HIS B 86 2.54 18.92 -15.00
N THR B 87 2.98 18.15 -15.98
CA THR B 87 2.10 17.30 -16.74
C THR B 87 2.89 16.04 -17.15
N ALA B 88 2.21 14.90 -17.23
CA ALA B 88 2.77 13.66 -17.74
C ALA B 88 2.80 13.85 -19.27
N GLU B 89 3.74 13.19 -19.96
CA GLU B 89 3.81 13.32 -21.42
C GLU B 89 2.63 12.66 -22.07
N GLY B 90 2.14 13.24 -23.18
CA GLY B 90 1.05 12.64 -23.91
C GLY B 90 -0.40 13.03 -23.61
N SER B 91 -0.56 14.01 -22.72
CA SER B 91 -1.91 14.45 -22.35
C SER B 91 -2.53 15.31 -23.43
N LYS B 92 -3.84 15.23 -23.57
CA LYS B 92 -4.53 16.06 -24.57
C LYS B 92 -4.81 17.44 -23.97
N LEU B 93 -4.71 17.56 -22.63
CA LEU B 93 -4.94 18.85 -21.95
C LEU B 93 -3.65 19.63 -21.79
N PRO B 94 -3.73 20.94 -21.64
CA PRO B 94 -4.93 21.79 -21.61
C PRO B 94 -5.48 22.07 -23.01
N VAL B 95 -6.73 22.50 -23.02
CA VAL B 95 -7.41 22.94 -24.27
C VAL B 95 -8.35 24.06 -23.86
N PRO B 96 -8.64 25.01 -24.77
CA PRO B 96 -9.57 26.11 -24.45
C PRO B 96 -10.91 25.44 -24.07
N VAL B 97 -11.68 26.02 -23.15
CA VAL B 97 -12.96 25.42 -22.74
C VAL B 97 -13.88 25.31 -23.98
N SER B 98 -13.84 26.33 -24.82
CA SER B 98 -14.72 26.33 -26.00
C SER B 98 -14.46 25.15 -26.94
N SER B 99 -13.29 24.51 -26.82
CA SER B 99 -12.97 23.35 -27.65
C SER B 99 -13.53 22.06 -27.09
N MET B 100 -13.94 22.06 -25.82
CA MET B 100 -14.44 20.84 -25.24
C MET B 100 -15.86 20.50 -25.57
N LYS B 101 -16.08 19.46 -26.37
CA LYS B 101 -17.45 19.11 -26.68
C LYS B 101 -17.97 18.21 -25.58
N SER B 102 -17.13 17.29 -25.11
CA SER B 102 -17.53 16.42 -24.02
C SER B 102 -16.27 15.81 -23.40
N PHE B 103 -16.40 15.43 -22.14
CA PHE B 103 -15.27 14.87 -21.45
C PHE B 103 -15.85 13.93 -20.43
N SER B 104 -15.98 12.69 -20.86
CA SER B 104 -16.56 11.65 -20.02
C SER B 104 -15.47 11.13 -19.07
N VAL B 105 -15.81 11.04 -17.80
CA VAL B 105 -14.88 10.53 -16.78
C VAL B 105 -15.57 9.39 -16.09
N GLU B 106 -14.91 8.25 -15.98
CA GLU B 106 -15.48 7.09 -15.27
C GLU B 106 -14.44 6.51 -14.25
N VAL B 107 -14.92 6.19 -13.05
CA VAL B 107 -14.06 5.61 -11.98
C VAL B 107 -14.88 4.97 -10.88
N SER B 108 -14.33 3.91 -10.27
CA SER B 108 -14.92 3.19 -9.13
C SER B 108 -14.06 3.68 -7.96
N PHE B 109 -14.67 3.83 -6.81
CA PHE B 109 -13.95 4.33 -5.65
C PHE B 109 -14.52 3.75 -4.36
N ASP B 110 -13.69 3.74 -3.32
CA ASP B 110 -14.09 3.26 -2.03
C ASP B 110 -13.29 4.09 -1.06
N ILE B 111 -13.96 4.94 -0.29
CA ILE B 111 -13.32 5.83 0.67
C ILE B 111 -13.62 5.37 2.09
N HIS B 112 -12.62 5.37 2.97
CA HIS B 112 -12.84 5.02 4.34
C HIS B 112 -12.18 6.06 5.22
N HIS B 113 -12.77 6.36 6.38
CA HIS B 113 -12.17 7.39 7.23
C HIS B 113 -12.67 7.30 8.62
N GLU B 114 -11.87 7.78 9.57
CA GLU B 114 -12.34 7.78 10.96
C GLU B 114 -13.59 8.71 10.92
N PRO B 115 -14.62 8.38 11.70
CA PRO B 115 -15.89 9.13 11.75
C PRO B 115 -15.93 10.64 11.72
N SER B 116 -15.12 11.26 12.54
CA SER B 116 -15.15 12.70 12.62
C SER B 116 -14.28 13.47 11.67
N LEU B 117 -13.51 12.78 10.82
CA LEU B 117 -12.59 13.49 9.94
C LEU B 117 -13.21 14.33 8.84
N PRO B 118 -12.88 15.62 8.79
CA PRO B 118 -13.43 16.52 7.74
C PRO B 118 -12.78 15.97 6.45
N LEU B 119 -13.58 15.66 5.45
CA LEU B 119 -13.00 15.09 4.23
C LEU B 119 -14.04 15.07 3.11
N ASN B 120 -13.58 14.99 1.86
CA ASN B 120 -14.53 14.84 0.78
C ASN B 120 -13.87 13.98 -0.28
N PHE B 121 -14.67 13.59 -1.25
CA PHE B 121 -14.17 12.88 -2.42
C PHE B 121 -14.52 13.94 -3.48
N ALA B 122 -13.51 14.61 -3.99
CA ALA B 122 -13.75 15.70 -4.92
C ALA B 122 -12.84 15.73 -6.12
N MET B 123 -13.43 16.05 -7.27
CA MET B 123 -12.66 16.16 -8.48
C MET B 123 -12.59 17.63 -8.80
N GLU B 124 -11.58 18.05 -9.54
CA GLU B 124 -11.50 19.47 -9.85
C GLU B 124 -10.68 19.81 -11.10
N THR B 125 -10.86 21.03 -11.58
CA THR B 125 -10.10 21.54 -12.68
C THR B 125 -9.74 22.99 -12.41
N TRP B 126 -8.72 23.49 -13.12
CA TRP B 126 -8.32 24.85 -12.98
C TRP B 126 -8.49 25.43 -14.37
N LEU B 127 -9.27 26.51 -14.48
CA LEU B 127 -9.50 27.16 -15.77
C LEU B 127 -8.67 28.43 -15.71
N THR B 128 -7.67 28.55 -16.57
CA THR B 128 -6.79 29.70 -16.51
C THR B 128 -6.73 30.57 -17.78
N ARG B 129 -6.39 31.84 -17.61
CA ARG B 129 -6.31 32.76 -18.77
C ARG B 129 -5.22 32.36 -19.77
N GLU B 130 -4.05 31.97 -19.28
CA GLU B 130 -2.97 31.51 -20.15
C GLU B 130 -2.89 29.98 -20.07
N LYS B 131 -2.29 29.36 -21.08
CA LYS B 131 -2.26 27.92 -21.13
C LYS B 131 -1.44 27.21 -20.06
N TYR B 132 -0.28 27.76 -19.73
CA TYR B 132 0.58 27.12 -18.73
C TYR B 132 0.98 28.05 -17.59
N GLN B 133 0.02 28.52 -16.81
CA GLN B 133 0.32 29.39 -15.69
C GLN B 133 0.89 28.47 -14.60
N THR B 134 1.47 29.10 -13.57
CA THR B 134 2.02 28.34 -12.46
C THR B 134 1.25 28.72 -11.18
N GLU B 135 0.11 29.37 -11.35
CA GLU B 135 -0.73 29.73 -10.23
C GLU B 135 -2.02 30.21 -10.83
N ALA B 136 -2.99 30.43 -9.98
CA ALA B 136 -4.28 30.93 -10.44
C ALA B 136 -4.50 32.19 -9.63
N SER B 137 -5.10 33.20 -10.28
CA SER B 137 -5.39 34.44 -9.58
C SER B 137 -6.69 35.06 -10.17
N ILE B 138 -6.95 36.35 -9.91
CA ILE B 138 -8.22 36.94 -10.38
C ILE B 138 -8.36 36.81 -11.87
N GLY B 139 -9.48 36.21 -12.28
CA GLY B 139 -9.75 35.97 -13.69
C GLY B 139 -9.75 34.48 -13.99
N ASP B 140 -9.15 33.68 -13.08
CA ASP B 140 -9.05 32.23 -13.22
C ASP B 140 -10.10 31.60 -12.36
N VAL B 141 -10.37 30.32 -12.59
CA VAL B 141 -11.41 29.60 -11.85
C VAL B 141 -10.98 28.19 -11.42
N CYS B 142 -11.44 27.77 -10.25
CA CYS B 142 -11.20 26.42 -9.80
C CYS B 142 -12.63 25.88 -9.70
N ILE B 143 -12.92 24.75 -10.35
CA ILE B 143 -14.24 24.16 -10.24
C ILE B 143 -14.07 22.78 -9.62
N MET B 144 -14.78 22.49 -8.53
CA MET B 144 -14.75 21.18 -7.91
C MET B 144 -16.08 20.48 -8.05
N VAL B 145 -16.03 19.16 -7.97
CA VAL B 145 -17.20 18.31 -8.03
C VAL B 145 -17.11 17.29 -6.90
N TRP B 146 -17.89 17.51 -5.85
CA TRP B 146 -17.86 16.67 -4.65
C TRP B 146 -18.88 15.55 -4.69
N PHE B 147 -18.43 14.31 -4.87
CA PHE B 147 -19.36 13.19 -4.85
C PHE B 147 -19.58 12.73 -3.42
N TYR B 148 -18.65 13.10 -2.51
CA TYR B 148 -18.80 12.71 -1.10
C TYR B 148 -18.25 13.78 -0.16
N PHE B 149 -18.79 13.84 1.05
CA PHE B 149 -18.23 14.76 2.05
C PHE B 149 -18.57 14.21 3.44
N ASN B 150 -17.75 14.56 4.42
CA ASN B 150 -18.00 14.14 5.80
C ASN B 150 -17.52 15.30 6.62
N ASN B 151 -18.42 15.88 7.42
CA ASN B 151 -17.99 17.01 8.25
C ASN B 151 -17.21 18.09 7.53
N LEU B 152 -17.67 18.50 6.37
CA LEU B 152 -16.95 19.49 5.61
C LEU B 152 -17.92 20.20 4.70
N THR B 153 -17.85 21.52 4.68
CA THR B 153 -18.73 22.33 3.82
C THR B 153 -17.87 22.99 2.78
N PRO B 154 -18.41 23.17 1.53
CA PRO B 154 -17.58 23.83 0.53
C PRO B 154 -17.36 25.25 0.93
N GLY B 155 -16.35 25.90 0.33
CA GLY B 155 -16.07 27.27 0.67
C GLY B 155 -17.10 28.23 0.07
N GLY B 156 -17.07 29.48 0.54
CA GLY B 156 -17.96 30.56 0.07
C GLY B 156 -19.40 30.32 0.45
N GLU B 157 -20.32 30.69 -0.43
CA GLU B 157 -21.71 30.41 -0.07
C GLU B 157 -22.50 29.76 -1.18
N LYS B 158 -23.51 29.00 -0.77
CA LYS B 158 -24.39 28.29 -1.69
C LYS B 158 -25.20 29.36 -2.42
N ILE B 159 -25.15 29.34 -3.76
CA ILE B 159 -25.85 30.35 -4.52
C ILE B 159 -26.98 29.80 -5.36
N GLU B 160 -26.96 28.50 -5.60
CA GLU B 160 -28.04 27.88 -6.35
C GLU B 160 -27.91 26.38 -6.42
N GLU B 161 -28.85 25.73 -7.09
CA GLU B 161 -28.81 24.29 -7.24
C GLU B 161 -28.99 23.94 -8.68
N PHE B 162 -28.32 22.86 -9.09
CA PHE B 162 -28.37 22.38 -10.44
C PHE B 162 -28.71 20.93 -10.41
N THR B 163 -29.51 20.50 -11.37
CA THR B 163 -29.85 19.12 -11.49
C THR B 163 -28.95 18.70 -12.63
N ILE B 164 -28.03 17.78 -12.35
CA ILE B 164 -27.10 17.27 -13.35
C ILE B 164 -27.04 15.75 -13.21
N PRO B 165 -27.18 15.04 -14.33
CA PRO B 165 -27.15 13.59 -14.31
C PRO B 165 -25.76 12.98 -14.31
N PHE B 166 -25.72 11.71 -13.93
CA PHE B 166 -24.49 10.92 -13.89
C PHE B 166 -24.95 9.47 -13.73
N VAL B 167 -24.09 8.55 -14.14
CA VAL B 167 -24.38 7.13 -14.04
C VAL B 167 -23.75 6.58 -12.76
N LEU B 168 -24.59 6.17 -11.83
CA LEU B 168 -24.12 5.61 -10.59
C LEU B 168 -24.30 4.10 -10.73
N ASN B 169 -23.27 3.35 -10.39
CA ASN B 169 -23.33 1.89 -10.48
C ASN B 169 -24.15 1.38 -11.68
N GLY B 170 -23.78 1.85 -12.88
CA GLY B 170 -24.45 1.42 -14.09
C GLY B 170 -25.73 2.13 -14.48
N GLU B 171 -26.40 2.76 -13.52
CA GLU B 171 -27.64 3.43 -13.81
C GLU B 171 -27.63 4.98 -13.72
N SER B 172 -28.22 5.67 -14.72
CA SER B 172 -28.28 7.13 -14.69
C SER B 172 -29.13 7.56 -13.50
N VAL B 173 -28.79 8.72 -12.94
CA VAL B 173 -29.45 9.29 -11.77
C VAL B 173 -29.41 10.79 -11.99
N GLU B 174 -30.42 11.50 -11.52
CA GLU B 174 -30.42 12.94 -11.67
C GLU B 174 -29.99 13.50 -10.34
N GLY B 175 -28.69 13.75 -10.17
CA GLY B 175 -28.24 14.29 -8.92
C GLY B 175 -28.54 15.77 -8.79
N THR B 176 -28.74 16.21 -7.55
CA THR B 176 -28.98 17.62 -7.28
C THR B 176 -27.66 18.20 -6.79
N TRP B 177 -27.15 19.22 -7.46
CA TRP B 177 -25.87 19.75 -7.04
C TRP B 177 -25.92 21.16 -6.49
N GLU B 178 -25.52 21.31 -5.22
CA GLU B 178 -25.48 22.64 -4.66
C GLU B 178 -24.26 23.32 -5.27
N LEU B 179 -24.40 24.55 -5.75
CA LEU B 179 -23.28 25.26 -6.27
C LEU B 179 -22.87 26.29 -5.21
N TRP B 180 -21.63 26.17 -4.76
CA TRP B 180 -21.03 27.07 -3.79
C TRP B 180 -20.00 27.88 -4.55
N LEU B 181 -19.98 29.18 -4.27
CA LEU B 181 -19.09 30.10 -4.94
C LEU B 181 -18.42 31.02 -3.95
N ALA B 182 -17.13 31.22 -4.12
CA ALA B 182 -16.34 32.10 -3.28
C ALA B 182 -15.41 32.90 -4.21
N GLU B 183 -15.23 34.17 -3.91
CA GLU B 183 -14.32 34.96 -4.73
C GLU B 183 -13.15 35.27 -3.84
N TRP B 184 -12.13 34.41 -3.91
CA TRP B 184 -10.95 34.58 -3.12
C TRP B 184 -9.88 35.06 -4.07
N GLY B 185 -8.69 34.49 -3.96
CA GLY B 185 -7.61 34.84 -4.85
C GLY B 185 -7.95 34.56 -6.30
N TRP B 186 -8.90 33.65 -6.50
CA TRP B 186 -9.41 33.28 -7.83
C TRP B 186 -10.85 32.89 -7.55
N ASP B 187 -11.59 32.56 -8.59
CA ASP B 187 -12.96 32.18 -8.34
C ASP B 187 -13.00 30.72 -8.01
N TYR B 188 -13.72 30.39 -6.94
CA TYR B 188 -13.90 29.04 -6.47
C TYR B 188 -15.33 28.60 -6.62
N LEU B 189 -15.56 27.52 -7.34
CA LEU B 189 -16.89 26.98 -7.52
C LEU B 189 -16.91 25.51 -7.12
N ALA B 190 -17.83 25.11 -6.25
CA ALA B 190 -17.93 23.71 -5.88
C ALA B 190 -19.34 23.25 -6.04
N PHE B 191 -19.49 22.17 -6.81
CA PHE B 191 -20.75 21.52 -7.01
C PHE B 191 -20.75 20.35 -6.04
N ARG B 192 -21.61 20.44 -5.02
CA ARG B 192 -21.69 19.38 -4.05
C ARG B 192 -22.95 18.56 -4.16
N LEU B 193 -22.77 17.29 -4.48
CA LEU B 193 -23.86 16.33 -4.60
C LEU B 193 -24.60 16.29 -3.25
N LYS B 194 -25.92 16.48 -3.27
CA LYS B 194 -26.69 16.51 -2.04
C LYS B 194 -26.82 15.17 -1.37
N ASP B 195 -26.84 14.11 -2.15
CA ASP B 195 -26.89 12.75 -1.65
C ASP B 195 -25.49 12.12 -1.81
N PRO B 196 -24.58 12.39 -0.87
CA PRO B 196 -23.20 11.84 -0.96
C PRO B 196 -23.08 10.33 -1.08
N VAL B 197 -22.09 9.90 -1.88
CA VAL B 197 -21.78 8.50 -2.16
C VAL B 197 -20.31 8.22 -1.71
N LYS B 198 -20.15 7.35 -0.72
CA LYS B 198 -18.85 7.01 -0.14
C LYS B 198 -18.09 5.88 -0.88
N LYS B 199 -18.84 5.06 -1.62
CA LYS B 199 -18.28 3.93 -2.37
C LYS B 199 -19.16 3.66 -3.59
N GLY B 200 -18.58 3.35 -4.74
CA GLY B 200 -19.40 3.10 -5.91
C GLY B 200 -18.65 3.34 -7.18
N ARG B 201 -19.37 3.33 -8.31
CA ARG B 201 -18.80 3.57 -9.61
C ARG B 201 -19.60 4.74 -10.25
N VAL B 202 -18.91 5.75 -10.77
CA VAL B 202 -19.60 6.86 -11.38
C VAL B 202 -19.02 7.18 -12.75
N LYS B 203 -19.89 7.62 -13.63
CA LYS B 203 -19.49 8.01 -14.96
C LYS B 203 -20.29 9.29 -15.23
N PHE B 204 -19.64 10.31 -15.75
CA PHE B 204 -20.35 11.55 -16.02
C PHE B 204 -19.58 12.38 -17.04
N ASP B 205 -20.24 13.43 -17.54
CA ASP B 205 -19.59 14.26 -18.54
C ASP B 205 -19.27 15.57 -17.89
N VAL B 206 -17.99 15.97 -17.95
CA VAL B 206 -17.58 17.21 -17.31
C VAL B 206 -18.19 18.45 -17.97
N ARG B 207 -18.61 18.32 -19.24
CA ARG B 207 -19.18 19.43 -19.96
C ARG B 207 -20.40 19.97 -19.22
N HIS B 208 -21.19 19.13 -18.59
CA HIS B 208 -22.38 19.66 -17.88
C HIS B 208 -21.98 20.63 -16.76
N PHE B 209 -20.88 20.29 -16.05
CA PHE B 209 -20.42 21.17 -14.98
C PHE B 209 -19.81 22.43 -15.56
N LEU B 210 -19.10 22.31 -16.68
CA LEU B 210 -18.54 23.49 -17.31
C LEU B 210 -19.71 24.43 -17.72
N ASP B 211 -20.77 23.84 -18.29
CA ASP B 211 -21.93 24.63 -18.74
C ASP B 211 -22.56 25.35 -17.57
N ALA B 212 -22.84 24.61 -16.50
CA ALA B 212 -23.43 25.24 -15.33
C ALA B 212 -22.56 26.38 -14.79
N ALA B 213 -21.23 26.16 -14.75
CA ALA B 213 -20.30 27.17 -14.25
C ALA B 213 -20.23 28.43 -15.12
N GLY B 214 -20.24 28.22 -16.44
CA GLY B 214 -20.20 29.31 -17.39
C GLY B 214 -21.46 30.13 -17.15
N LYS B 215 -22.56 29.46 -16.84
CA LYS B 215 -23.81 30.19 -16.58
C LYS B 215 -23.71 31.00 -15.28
N ALA B 216 -23.28 30.36 -14.20
CA ALA B 216 -23.15 31.05 -12.93
C ALA B 216 -22.19 32.22 -13.01
N LEU B 217 -21.17 32.12 -13.85
CA LEU B 217 -20.16 33.17 -13.95
C LEU B 217 -20.40 34.18 -15.09
N SER B 218 -21.48 33.97 -15.83
CA SER B 218 -21.82 34.82 -16.97
C SER B 218 -21.75 36.28 -16.55
N SER B 219 -22.33 36.61 -15.40
CA SER B 219 -22.34 37.99 -14.94
C SER B 219 -21.19 38.37 -14.05
N SER B 220 -20.18 37.51 -13.96
CA SER B 220 -19.04 37.83 -13.11
C SER B 220 -18.26 39.09 -13.50
N ALA B 221 -17.89 39.86 -12.49
CA ALA B 221 -17.09 41.06 -12.71
C ALA B 221 -15.59 40.66 -12.82
N ARG B 222 -15.24 39.46 -12.33
CA ARG B 222 -13.85 38.98 -12.32
C ARG B 222 -13.46 38.04 -13.46
N VAL B 223 -14.35 37.14 -13.85
CA VAL B 223 -14.05 36.20 -14.94
C VAL B 223 -14.65 36.78 -16.21
N LYS B 224 -13.80 37.14 -17.17
CA LYS B 224 -14.25 37.75 -18.42
C LYS B 224 -14.83 36.78 -19.45
N ASP B 225 -14.00 36.05 -20.17
CA ASP B 225 -14.51 35.13 -21.18
C ASP B 225 -14.31 33.69 -20.77
N PHE B 226 -15.32 33.16 -20.10
CA PHE B 226 -15.27 31.79 -19.60
C PHE B 226 -14.82 30.77 -20.65
N GLU B 227 -15.50 30.77 -21.79
CA GLU B 227 -15.15 29.82 -22.85
C GLU B 227 -13.76 29.95 -23.43
N ASP B 228 -13.08 31.10 -23.27
CA ASP B 228 -11.70 31.26 -23.80
C ASP B 228 -10.62 30.76 -22.79
N LEU B 229 -11.03 30.55 -21.54
CA LEU B 229 -10.10 30.04 -20.52
C LEU B 229 -9.61 28.64 -20.90
N TYR B 230 -8.41 28.27 -20.44
CA TYR B 230 -7.89 26.92 -20.76
C TYR B 230 -8.30 25.93 -19.66
N PHE B 231 -8.84 24.78 -20.07
CA PHE B 231 -9.23 23.71 -19.16
C PHE B 231 -7.90 22.94 -19.03
N THR B 232 -7.23 23.12 -17.89
CA THR B 232 -5.90 22.52 -17.77
C THR B 232 -5.74 21.10 -17.30
N VAL B 233 -6.68 20.63 -16.48
CA VAL B 233 -6.44 19.35 -15.85
C VAL B 233 -7.71 18.78 -15.29
N TRP B 234 -7.70 17.48 -14.97
CA TRP B 234 -8.82 16.91 -14.29
C TRP B 234 -8.17 16.18 -13.11
N GLU B 235 -8.41 16.67 -11.90
CA GLU B 235 -7.85 16.05 -10.68
C GLU B 235 -8.89 15.24 -9.94
N ILE B 236 -8.50 14.12 -9.32
CA ILE B 236 -9.41 13.26 -8.60
C ILE B 236 -8.73 12.91 -7.28
N GLY B 237 -9.36 13.27 -6.18
CA GLY B 237 -8.73 13.05 -4.88
C GLY B 237 -9.63 13.30 -3.70
N THR B 238 -9.04 13.43 -2.51
CA THR B 238 -9.85 13.65 -1.31
C THR B 238 -9.24 14.76 -0.51
N GLU B 239 -9.98 15.85 -0.34
CA GLU B 239 -9.47 16.92 0.51
C GLU B 239 -9.75 16.42 1.97
N PHE B 240 -8.91 16.82 2.92
CA PHE B 240 -9.18 16.43 4.32
C PHE B 240 -8.58 17.45 5.29
N GLY B 241 -9.04 17.41 6.52
CA GLY B 241 -8.48 18.31 7.50
C GLY B 241 -9.27 19.57 7.79
N SER B 242 -8.93 20.18 8.91
CA SER B 242 -9.50 21.47 9.38
C SER B 242 -8.37 21.99 10.26
N PRO B 243 -8.39 23.30 10.63
CA PRO B 243 -7.33 23.88 11.46
C PRO B 243 -7.19 23.23 12.87
N GLU B 244 -8.21 22.52 13.31
CA GLU B 244 -8.19 21.89 14.65
C GLU B 244 -7.90 20.40 14.57
N THR B 245 -7.66 19.89 13.35
CA THR B 245 -7.46 18.44 13.17
C THR B 245 -6.01 18.11 13.49
N LYS B 246 -5.76 17.34 14.54
CA LYS B 246 -4.38 17.07 14.91
C LYS B 246 -3.89 15.71 14.40
N SER B 247 -4.81 14.85 14.02
CA SER B 247 -4.44 13.53 13.52
C SER B 247 -5.44 13.12 12.45
N ALA B 248 -5.06 12.21 11.56
CA ALA B 248 -6.00 11.77 10.52
C ALA B 248 -5.75 10.33 10.14
N GLN B 249 -6.82 9.52 10.09
CA GLN B 249 -6.72 8.13 9.65
C GLN B 249 -7.79 7.97 8.57
N PHE B 250 -7.37 7.66 7.34
CA PHE B 250 -8.34 7.45 6.28
C PHE B 250 -7.59 6.89 5.10
N GLY B 251 -8.32 6.45 4.09
CA GLY B 251 -7.66 5.97 2.88
C GLY B 251 -8.67 5.76 1.79
N TRP B 252 -8.20 5.33 0.63
CA TRP B 252 -9.15 5.09 -0.46
C TRP B 252 -8.52 4.21 -1.53
N LYS B 253 -9.36 3.77 -2.45
CA LYS B 253 -8.97 2.96 -3.57
C LYS B 253 -9.76 3.45 -4.78
N PHE B 254 -9.09 3.62 -5.92
CA PHE B 254 -9.72 4.03 -7.17
C PHE B 254 -9.36 2.95 -8.16
N GLU B 255 -10.33 2.53 -8.96
CA GLU B 255 -10.14 1.47 -9.94
C GLU B 255 -11.08 1.75 -11.15
N ASN B 256 -10.94 0.94 -12.21
CA ASN B 256 -11.86 1.10 -13.36
C ASN B 256 -11.91 2.49 -13.93
N PHE B 257 -10.73 3.08 -14.12
CA PHE B 257 -10.69 4.43 -14.60
C PHE B 257 -10.66 4.53 -16.12
N SER B 258 -11.47 5.44 -16.67
CA SER B 258 -11.41 5.68 -18.12
C SER B 258 -11.91 7.08 -18.40
N ILE B 259 -11.45 7.63 -19.51
CA ILE B 259 -11.89 8.95 -19.90
C ILE B 259 -12.09 8.99 -21.41
N ASP B 260 -12.94 9.91 -21.85
CA ASP B 260 -13.20 10.09 -23.28
C ASP B 260 -13.30 11.60 -23.47
N LEU B 261 -12.21 12.20 -23.91
CA LEU B 261 -12.17 13.64 -24.15
C LEU B 261 -12.41 13.88 -25.64
N GLU B 262 -13.40 14.71 -25.97
CA GLU B 262 -13.68 15.03 -27.38
C GLU B 262 -13.41 16.49 -27.56
N VAL B 263 -12.40 16.78 -28.34
CA VAL B 263 -11.99 18.14 -28.58
C VAL B 263 -12.17 18.53 -30.04
N ARG B 264 -12.83 19.66 -30.29
CA ARG B 264 -13.07 20.15 -31.65
C ARG B 264 -13.07 21.67 -31.66
C1 GLC C . 18.22 -16.73 7.73
C2 GLC C . 19.42 -16.04 8.40
C3 GLC C . 18.89 -15.31 9.63
C4 GLC C . 17.82 -14.29 9.22
C5 GLC C . 16.79 -14.90 8.28
C6 GLC C . 15.98 -13.80 7.58
O1 GLC C . 17.55 -17.50 8.73
O2 GLC C . 20.31 -17.09 8.80
O3 GLC C . 19.98 -14.65 10.28
O4 GLC C . 17.12 -13.78 10.37
O5 GLC C . 17.34 -15.72 7.24
O6 GLC C . 16.74 -13.20 6.52
C2 BGC C . 16.50 -11.78 11.56
C3 BGC C . 17.01 -10.42 12.00
C4 BGC C . 18.32 -10.57 12.76
C5 BGC C . 19.31 -11.50 12.06
C6 BGC C . 20.52 -11.76 12.97
C1 BGC C . 17.61 -12.52 10.81
O2 BGC C . 15.39 -11.56 10.67
O3 BGC C . 16.01 -9.84 12.85
O4 BGC C . 18.93 -9.28 12.79
O5 BGC C . 18.73 -12.75 11.68
O6 BGC C . 21.46 -12.61 12.30
C2 BGC C . 20.47 -7.92 13.98
C3 BGC C . 20.87 -7.42 15.36
C4 BGC C . 19.69 -6.62 15.93
C5 BGC C . 18.42 -7.48 15.92
C6 BGC C . 17.31 -6.54 16.39
C1 BGC C . 19.22 -8.80 14.12
O2 BGC C . 21.54 -8.68 13.40
O3 BGC C . 22.01 -6.59 15.27
O4 BGC C . 19.98 -6.20 17.27
O5 BGC C . 18.14 -7.98 14.60
O6 BGC C . 17.39 -5.32 15.63
C2 BGC D . 25.99 -17.74 0.46
C3 BGC D . 24.70 -18.00 1.24
C4 BGC D . 23.51 -17.49 0.42
C5 BGC D . 23.55 -18.01 -1.00
C6 BGC D . 22.43 -17.34 -1.81
C1 BGC D . 25.87 -18.40 -0.92
O1 BGC D . 27.12 -18.22 -1.60
O2 BGC D . 27.11 -18.33 1.13
O3 BGC D . 24.73 -17.34 2.51
O4 BGC D . 22.31 -18.04 1.00
O5 BGC D . 24.81 -17.75 -1.64
O6 BGC D . 22.30 -17.92 -3.12
C2 BGC D . 20.24 -17.88 2.08
C3 BGC D . 19.37 -17.20 3.14
C4 BGC D . 20.21 -16.92 4.39
C5 BGC D . 21.57 -16.29 4.06
C6 BGC D . 22.40 -16.07 5.33
C1 BGC D . 21.60 -17.19 1.91
O2 BGC D . 19.57 -17.91 0.81
O3 BGC D . 18.28 -18.04 3.52
O4 BGC D . 19.45 -16.04 5.22
O5 BGC D . 22.26 -17.18 3.18
O6 BGC D . 21.87 -14.98 6.11
C1 GLC E . -9.57 24.00 -3.42
C2 GLC E . -8.57 25.09 -3.05
C3 GLC E . -7.23 24.86 -3.76
C4 GLC E . -6.70 23.45 -3.48
C5 GLC E . -7.79 22.41 -3.72
C6 GLC E . -7.29 21.08 -3.15
O1 GLC E . -9.87 24.01 -4.82
O2 GLC E . -9.13 26.35 -3.46
O3 GLC E . -6.31 25.83 -3.26
O4 GLC E . -5.65 23.12 -4.41
O5 GLC E . -9.02 22.72 -3.05
O6 GLC E . -7.10 21.22 -1.75
C2 BGC E . -3.34 22.53 -4.71
C3 BGC E . -1.95 22.71 -4.07
C4 BGC E . -1.60 24.19 -3.98
C5 BGC E . -2.74 25.01 -3.39
C6 BGC E . -2.38 26.49 -3.54
C1 BGC E . -4.33 23.33 -3.88
O2 BGC E . -3.65 21.13 -4.71
O3 BGC E . -0.99 22.06 -4.90
O4 BGC E . -0.57 24.30 -2.98
O5 BGC E . -4.00 24.71 -4.01
O6 BGC E . -3.42 27.26 -2.92
C2 BGC E . 1.12 25.74 -2.19
C3 BGC E . 2.33 26.57 -2.62
C4 BGC E . 3.35 25.60 -3.20
C5 BGC E . 2.72 24.78 -4.34
C6 BGC E . 3.77 23.78 -4.82
C1 BGC E . 0.56 25.05 -3.43
O2 BGC E . 0.14 26.58 -1.55
O3 BGC E . 2.85 27.26 -1.48
O4 BGC E . 4.45 26.32 -3.74
O5 BGC E . 1.53 24.10 -3.91
O6 BGC E . 4.26 23.01 -3.72
C2 BGC F . -14.21 28.16 5.47
C3 BGC F . -14.10 27.42 4.14
C4 BGC F . -14.05 25.90 4.35
C5 BGC F . -15.20 25.48 5.26
C6 BGC F . -15.08 23.98 5.56
C1 BGC F . -15.44 27.62 6.20
O1 BGC F . -15.71 28.35 7.40
O2 BGC F . -14.36 29.56 5.23
O3 BGC F . -12.89 27.86 3.48
O4 BGC F . -14.26 25.26 3.09
O5 BGC F . -15.19 26.23 6.48
O6 BGC F . -16.21 23.49 6.28
C2 BGC F . -13.51 23.97 1.28
C3 BGC F . -12.34 23.40 0.47
C4 BGC F . -11.37 24.52 0.11
C5 BGC F . -11.05 25.38 1.35
C6 BGC F . -10.11 26.55 1.04
C1 BGC F . -13.05 24.80 2.47
O2 BGC F . -14.32 22.90 1.77
O3 BGC F . -12.87 22.78 -0.71
O4 BGC F . -10.17 23.93 -0.40
O5 BGC F . -12.25 25.89 1.96
O6 BGC F . -8.78 26.04 0.85
#